data_4OUJ
#
_entry.id   4OUJ
#
_cell.length_a   83.819
_cell.length_b   36.959
_cell.length_c   114.624
_cell.angle_alpha   90.00
_cell.angle_beta   102.11
_cell.angle_gamma   90.00
#
_symmetry.space_group_name_H-M   'P 1 21 1'
#
loop_
_entity.id
_entity.type
_entity.pdbx_description
1 polymer 'Hemagglutinin component HA33'
2 branched beta-D-galactopyranose-(1-4)-alpha-D-glucopyranose
3 water water
#
_entity_poly.entity_id   1
_entity_poly.type   'polypeptide(L)'
_entity_poly.pdbx_seq_one_letter_code
;GSEHYSVIQNSLNDKIVTISCKANTDLFFYQVPGNGNVSLFQQTRNYLERWRIIYDSNKAAYKIKSMNIYNTNLVLTWNA
PTHNISAQQDSNADNQYWLLLKDIGNNSFIIASYKNPNLVLYADTVARNLKLSTLNNSSYIKFIIEDYVISDFKNFTCRI
SPILAGGKVVQQVSMTNLAVNLYIWNNDLNQKWTIIYNEEKAAYQFFNKILSNGVLTWIFSDGNTVRVSSSAQNNDAQYW
LINPVSDNYDRYTITNLRDKTKVLDLYGGQTADGTTIQVFNSNGGDNQKWNIRNPPGSAWSHPQFEK
;
_entity_poly.pdbx_strand_id   A,B
#
# COMPACT_ATOMS: atom_id res chain seq x y z
N LEU A 12 -31.41 1.65 -15.03
CA LEU A 12 -30.18 2.41 -15.14
C LEU A 12 -29.83 3.06 -13.82
N ASN A 13 -30.81 3.15 -12.94
CA ASN A 13 -30.58 3.74 -11.63
C ASN A 13 -29.53 2.97 -10.85
N ASP A 14 -28.60 3.72 -10.27
CA ASP A 14 -27.55 3.20 -9.41
C ASP A 14 -26.44 2.47 -10.15
N LYS A 15 -26.52 2.42 -11.48
CA LYS A 15 -25.52 1.70 -12.27
C LYS A 15 -24.26 2.50 -12.40
N ILE A 16 -23.11 1.84 -12.34
CA ILE A 16 -21.80 2.48 -12.54
C ILE A 16 -21.35 2.20 -13.96
N VAL A 17 -21.15 3.29 -14.69
CA VAL A 17 -20.90 3.20 -16.13
C VAL A 17 -19.67 4.01 -16.52
N THR A 18 -19.19 3.74 -17.73
CA THR A 18 -18.32 4.64 -18.45
C THR A 18 -19.13 5.34 -19.52
N ILE A 19 -18.68 6.53 -19.91
CA ILE A 19 -19.33 7.29 -20.96
C ILE A 19 -18.27 7.71 -21.92
N SER A 20 -18.43 7.27 -23.14
CA SER A 20 -17.50 7.56 -24.21
C SER A 20 -18.17 8.17 -25.43
N CYS A 21 -17.36 8.63 -26.37
CA CYS A 21 -17.85 9.51 -27.42
C CYS A 21 -18.09 8.78 -28.72
N LYS A 22 -19.28 8.90 -29.29
CA LYS A 22 -19.49 8.35 -30.62
C LYS A 22 -18.52 8.94 -31.63
N ALA A 23 -18.15 10.21 -31.44
CA ALA A 23 -17.28 10.92 -32.39
C ALA A 23 -15.84 10.42 -32.31
N ASN A 24 -15.49 9.84 -31.16
CA ASN A 24 -14.18 9.20 -30.97
C ASN A 24 -14.29 8.24 -29.80
N THR A 25 -14.47 6.95 -30.10
CA THR A 25 -14.80 5.95 -29.10
C THR A 25 -13.62 5.61 -28.20
N ASP A 26 -12.47 6.20 -28.49
CA ASP A 26 -11.33 6.05 -27.62
C ASP A 26 -11.32 7.12 -26.53
N LEU A 27 -12.28 8.04 -26.56
CA LEU A 27 -12.33 9.12 -25.57
C LEU A 27 -13.51 8.96 -24.60
N PHE A 28 -13.16 9.05 -23.32
CA PHE A 28 -14.04 8.78 -22.19
C PHE A 28 -14.15 9.98 -21.28
N PHE A 29 -15.32 10.15 -20.67
CA PHE A 29 -15.48 11.18 -19.64
C PHE A 29 -14.56 10.84 -18.47
N TYR A 30 -13.73 11.81 -18.10
CA TYR A 30 -12.66 11.62 -17.12
C TYR A 30 -12.70 12.76 -16.11
N GLN A 31 -12.77 12.41 -14.84
CA GLN A 31 -12.77 13.40 -13.78
C GLN A 31 -11.33 13.65 -13.36
N VAL A 32 -10.83 14.84 -13.66
CA VAL A 32 -9.43 15.16 -13.47
C VAL A 32 -9.12 15.32 -11.99
N PRO A 33 -8.17 14.52 -11.47
CA PRO A 33 -7.80 14.61 -10.05
C PRO A 33 -7.33 16.00 -9.67
N GLY A 34 -7.73 16.45 -8.49
CA GLY A 34 -7.12 17.65 -7.92
C GLY A 34 -7.98 18.87 -8.07
N ASN A 35 -8.93 18.80 -8.99
CA ASN A 35 -9.80 19.93 -9.26
C ASN A 35 -11.16 19.38 -9.69
N GLY A 36 -12.03 20.25 -10.17
CA GLY A 36 -13.35 19.81 -10.60
C GLY A 36 -13.44 19.61 -12.10
N ASN A 37 -12.30 19.52 -12.77
CA ASN A 37 -12.36 19.48 -14.24
C ASN A 37 -12.84 18.13 -14.74
N VAL A 38 -13.49 18.16 -15.90
CA VAL A 38 -13.87 16.96 -16.62
C VAL A 38 -13.26 17.05 -18.00
N SER A 39 -12.54 15.99 -18.40
CA SER A 39 -11.91 15.98 -19.69
C SER A 39 -12.38 14.75 -20.46
N LEU A 40 -12.02 14.73 -21.73
CA LEU A 40 -12.17 13.57 -22.59
C LEU A 40 -10.79 12.95 -22.70
N PHE A 41 -10.66 11.71 -22.25
CA PHE A 41 -9.35 11.10 -22.02
C PHE A 41 -9.37 9.66 -22.56
N GLN A 42 -8.19 9.15 -22.88
CA GLN A 42 -8.06 7.77 -23.31
C GLN A 42 -8.59 6.83 -22.23
N GLN A 43 -8.87 5.61 -22.62
CA GLN A 43 -9.47 4.62 -21.72
C GLN A 43 -8.50 4.23 -20.62
N THR A 44 -8.92 4.41 -19.37
CA THR A 44 -8.05 4.12 -18.22
C THR A 44 -8.45 2.88 -17.42
N ARG A 45 -9.66 2.39 -17.62
CA ARG A 45 -10.17 1.25 -16.85
C ARG A 45 -9.98 1.46 -15.34
N ASN A 46 -10.27 2.67 -14.87
CA ASN A 46 -10.23 2.96 -13.44
C ASN A 46 -11.32 3.95 -13.06
N TYR A 47 -11.40 4.25 -11.77
CA TYR A 47 -12.53 4.97 -11.23
C TYR A 47 -12.63 6.42 -11.75
N LEU A 48 -11.53 6.99 -12.26
CA LEU A 48 -11.57 8.32 -12.84
C LEU A 48 -12.53 8.41 -14.04
N GLU A 49 -12.83 7.29 -14.67
CA GLU A 49 -13.75 7.25 -15.80
C GLU A 49 -15.05 6.52 -15.51
N ARG A 50 -15.36 6.34 -14.23
CA ARG A 50 -16.62 5.72 -13.84
C ARG A 50 -17.56 6.72 -13.19
N TRP A 51 -18.84 6.54 -13.49
CA TRP A 51 -19.87 7.47 -13.09
C TRP A 51 -21.09 6.66 -12.68
N ARG A 52 -21.66 7.00 -11.54
CA ARG A 52 -22.91 6.39 -11.09
C ARG A 52 -24.08 7.22 -11.61
N ILE A 53 -25.00 6.56 -12.28
CA ILE A 53 -26.23 7.15 -12.77
C ILE A 53 -27.27 7.11 -11.65
N ILE A 54 -27.80 8.27 -11.28
CA ILE A 54 -28.73 8.36 -10.17
C ILE A 54 -30.03 8.99 -10.63
N TYR A 55 -31.10 8.24 -10.54
CA TYR A 55 -32.40 8.68 -11.02
C TYR A 55 -33.18 9.43 -9.93
N ASP A 56 -33.81 10.54 -10.30
CA ASP A 56 -34.72 11.27 -9.41
C ASP A 56 -36.12 11.16 -9.97
N SER A 57 -37.04 10.60 -9.19
CA SER A 57 -38.43 10.38 -9.58
C SER A 57 -39.21 11.65 -9.87
N ASN A 58 -38.96 12.72 -9.13
CA ASN A 58 -39.70 13.96 -9.33
C ASN A 58 -39.33 14.61 -10.64
N LYS A 59 -38.04 14.62 -10.93
CA LYS A 59 -37.55 15.31 -12.10
C LYS A 59 -37.66 14.41 -13.33
N ALA A 60 -37.78 13.11 -13.08
CA ALA A 60 -37.65 12.11 -14.15
C ALA A 60 -36.36 12.35 -14.92
N ALA A 61 -35.28 12.62 -14.18
CA ALA A 61 -34.00 12.94 -14.78
C ALA A 61 -32.91 12.36 -13.91
N TYR A 62 -31.67 12.45 -14.37
CA TYR A 62 -30.58 11.75 -13.74
C TYR A 62 -29.43 12.66 -13.35
N LYS A 63 -28.74 12.30 -12.28
CA LYS A 63 -27.42 12.84 -11.98
C LYS A 63 -26.37 11.86 -12.43
N ILE A 64 -25.19 12.39 -12.71
CA ILE A 64 -24.09 11.59 -13.20
C ILE A 64 -22.94 11.84 -12.24
N LYS A 65 -22.67 10.91 -11.33
CA LYS A 65 -21.81 11.15 -10.18
C LYS A 65 -20.46 10.47 -10.33
N SER A 66 -19.37 11.21 -10.15
CA SER A 66 -18.05 10.61 -10.33
C SER A 66 -17.79 9.57 -9.26
N MET A 67 -17.09 8.49 -9.64
CA MET A 67 -16.63 7.49 -8.69
C MET A 67 -15.25 7.81 -8.08
N ASN A 68 -14.80 9.05 -8.26
CA ASN A 68 -13.62 9.57 -7.55
C ASN A 68 -13.62 9.15 -6.08
N ILE A 69 -12.60 8.40 -5.67
CA ILE A 69 -12.60 7.84 -4.31
C ILE A 69 -12.22 8.86 -3.24
N TYR A 70 -11.64 9.99 -3.66
CA TYR A 70 -11.20 11.03 -2.73
C TYR A 70 -12.24 12.12 -2.51
N ASN A 71 -13.08 12.36 -3.52
CA ASN A 71 -14.23 13.24 -3.36
C ASN A 71 -15.41 12.57 -4.05
N THR A 72 -16.29 12.01 -3.22
CA THR A 72 -17.26 11.03 -3.70
C THR A 72 -18.62 11.62 -4.04
N ASN A 73 -18.77 12.94 -3.93
CA ASN A 73 -20.07 13.54 -4.23
C ASN A 73 -20.00 14.62 -5.31
N LEU A 74 -19.11 14.42 -6.28
CA LEU A 74 -19.05 15.31 -7.44
C LEU A 74 -19.97 14.79 -8.54
N VAL A 75 -20.74 15.70 -9.13
CA VAL A 75 -21.63 15.35 -10.21
C VAL A 75 -21.41 16.27 -11.41
N LEU A 76 -21.66 15.72 -12.60
CA LEU A 76 -21.52 16.48 -13.84
C LEU A 76 -22.47 17.67 -13.79
N THR A 77 -21.94 18.86 -14.04
CA THR A 77 -22.63 20.11 -13.80
C THR A 77 -22.42 21.08 -14.95
N TRP A 78 -23.52 21.67 -15.41
CA TRP A 78 -23.48 22.78 -16.37
C TRP A 78 -23.30 24.08 -15.60
N ASN A 79 -22.16 24.74 -15.84
CA ASN A 79 -21.81 25.97 -15.16
C ASN A 79 -22.42 27.18 -15.82
N ALA A 80 -23.75 27.18 -15.89
CA ALA A 80 -24.51 28.32 -16.37
C ALA A 80 -24.09 29.58 -15.59
N PRO A 81 -23.96 30.72 -16.29
CA PRO A 81 -24.36 30.98 -17.68
C PRO A 81 -23.32 30.64 -18.76
N THR A 82 -22.17 30.10 -18.39
CA THR A 82 -21.20 29.68 -19.39
C THR A 82 -21.68 28.37 -19.99
N HIS A 83 -20.98 27.91 -21.01
CA HIS A 83 -21.30 26.62 -21.60
C HIS A 83 -20.32 25.55 -21.15
N ASN A 84 -19.62 25.81 -20.05
CA ASN A 84 -18.63 24.87 -19.52
CA ASN A 84 -18.63 24.87 -19.51
C ASN A 84 -19.26 23.80 -18.66
N ILE A 85 -18.63 22.62 -18.67
CA ILE A 85 -19.09 21.45 -17.94
C ILE A 85 -17.99 20.99 -17.01
N SER A 86 -18.32 20.78 -15.74
CA SER A 86 -17.34 20.35 -14.76
C SER A 86 -18.00 19.42 -13.76
N ALA A 87 -17.24 18.99 -12.77
CA ALA A 87 -17.77 18.15 -11.71
C ALA A 87 -17.77 18.96 -10.41
N GLN A 88 -18.98 19.19 -9.89
CA GLN A 88 -19.17 20.05 -8.73
C GLN A 88 -19.87 19.27 -7.62
N GLN A 89 -19.71 19.74 -6.38
CA GLN A 89 -20.44 19.13 -5.27
C GLN A 89 -21.94 19.01 -5.56
N ASP A 90 -22.47 17.83 -5.34
CA ASP A 90 -23.89 17.56 -5.51
C ASP A 90 -24.73 18.39 -4.55
N SER A 91 -25.62 19.22 -5.11
CA SER A 91 -26.60 19.93 -4.30
C SER A 91 -28.00 19.70 -4.87
N ASN A 92 -28.11 18.69 -5.73
CA ASN A 92 -29.36 18.38 -6.40
C ASN A 92 -29.93 19.54 -7.22
N ALA A 93 -29.05 20.40 -7.70
CA ALA A 93 -29.49 21.56 -8.47
C ALA A 93 -29.92 21.15 -9.88
N ASP A 94 -30.77 21.97 -10.49
CA ASP A 94 -31.28 21.68 -11.83
C ASP A 94 -30.16 21.54 -12.86
N ASN A 95 -29.07 22.31 -12.69
CA ASN A 95 -27.92 22.23 -13.60
C ASN A 95 -27.02 21.01 -13.38
N GLN A 96 -27.47 20.13 -12.50
CA GLN A 96 -26.79 18.89 -12.20
C GLN A 96 -27.64 17.69 -12.59
N TYR A 97 -28.78 17.95 -13.24
CA TYR A 97 -29.65 16.89 -13.73
C TYR A 97 -29.71 16.84 -15.26
N TRP A 98 -29.90 15.64 -15.79
CA TRP A 98 -29.78 15.39 -17.21
C TRP A 98 -30.86 14.43 -17.69
N LEU A 99 -31.32 14.66 -18.91
CA LEU A 99 -32.22 13.71 -19.57
C LEU A 99 -31.35 12.76 -20.37
N LEU A 100 -31.57 11.46 -20.19
CA LEU A 100 -30.82 10.45 -20.94
C LEU A 100 -31.72 9.98 -22.06
N LEU A 101 -31.44 10.45 -23.27
CA LEU A 101 -32.28 10.23 -24.44
C LEU A 101 -31.58 9.24 -25.37
N LYS A 102 -32.10 8.02 -25.45
CA LYS A 102 -31.48 7.01 -26.29
C LYS A 102 -31.99 7.12 -27.72
N ASP A 103 -31.08 7.43 -28.63
CA ASP A 103 -31.38 7.47 -30.05
C ASP A 103 -31.47 6.04 -30.53
N ILE A 104 -32.67 5.55 -30.76
CA ILE A 104 -32.87 4.18 -31.17
C ILE A 104 -32.31 3.97 -32.59
N GLY A 105 -32.17 5.06 -33.35
CA GLY A 105 -31.67 4.98 -34.71
C GLY A 105 -30.16 5.01 -34.81
N ASN A 106 -29.49 5.26 -33.69
CA ASN A 106 -28.02 5.28 -33.65
C ASN A 106 -27.45 4.46 -32.48
N ASN A 107 -28.31 3.86 -31.67
CA ASN A 107 -27.91 3.13 -30.46
C ASN A 107 -26.91 3.90 -29.59
N SER A 108 -27.19 5.17 -29.35
CA SER A 108 -26.33 6.04 -28.55
C SER A 108 -27.22 7.01 -27.81
N PHE A 109 -26.64 7.82 -26.94
CA PHE A 109 -27.41 8.74 -26.11
C PHE A 109 -27.10 10.18 -26.41
N ILE A 110 -28.16 10.98 -26.38
CA ILE A 110 -28.07 12.43 -26.22
C ILE A 110 -28.30 12.72 -24.76
N ILE A 111 -27.49 13.61 -24.19
CA ILE A 111 -27.54 13.90 -22.77
C ILE A 111 -27.91 15.36 -22.63
N ALA A 112 -29.18 15.60 -22.32
CA ALA A 112 -29.73 16.96 -22.37
C ALA A 112 -29.84 17.55 -20.97
N SER A 113 -29.57 18.84 -20.84
CA SER A 113 -29.68 19.47 -19.52
C SER A 113 -31.12 19.55 -19.05
N TYR A 114 -31.37 19.10 -17.82
CA TYR A 114 -32.68 19.29 -17.21
C TYR A 114 -33.03 20.76 -17.02
N LYS A 115 -32.04 21.58 -16.70
CA LYS A 115 -32.27 23.00 -16.50
C LYS A 115 -32.74 23.66 -17.80
N ASN A 116 -32.14 23.26 -18.92
CA ASN A 116 -32.55 23.71 -20.26
C ASN A 116 -32.36 22.59 -21.26
N PRO A 117 -33.42 21.83 -21.51
CA PRO A 117 -33.29 20.65 -22.40
C PRO A 117 -33.02 20.99 -23.86
N ASN A 118 -33.08 22.25 -24.25
CA ASN A 118 -32.60 22.65 -25.57
C ASN A 118 -31.10 22.57 -25.72
N LEU A 119 -30.40 22.43 -24.59
CA LEU A 119 -28.95 22.34 -24.63
C LEU A 119 -28.50 20.96 -24.19
N VAL A 120 -27.57 20.39 -24.95
CA VAL A 120 -27.10 19.03 -24.72
C VAL A 120 -25.58 18.94 -24.70
N LEU A 121 -25.05 17.88 -24.09
CA LEU A 121 -23.60 17.70 -24.05
C LEU A 121 -23.04 17.54 -25.45
N TYR A 122 -21.86 18.14 -25.65
CA TYR A 122 -21.15 18.14 -26.91
C TYR A 122 -19.70 17.78 -26.61
N ALA A 123 -19.22 16.76 -27.28
CA ALA A 123 -17.82 16.34 -27.13
C ALA A 123 -16.93 17.22 -27.98
N ASP A 124 -16.23 18.14 -27.36
CA ASP A 124 -15.25 18.95 -28.09
C ASP A 124 -13.97 18.16 -28.10
N THR A 125 -13.79 17.33 -29.12
CA THR A 125 -12.70 16.37 -29.13
C THR A 125 -11.35 17.05 -29.34
N VAL A 126 -11.33 18.22 -29.95
CA VAL A 126 -10.10 18.99 -30.09
C VAL A 126 -9.67 19.59 -28.77
N ALA A 127 -10.62 20.16 -28.04
CA ALA A 127 -10.34 20.77 -26.73
C ALA A 127 -10.22 19.70 -25.64
N ARG A 128 -10.66 18.48 -25.96
CA ARG A 128 -10.69 17.38 -25.00
C ARG A 128 -11.52 17.71 -23.76
N ASN A 129 -12.68 18.29 -23.98
CA ASN A 129 -13.62 18.57 -22.90
C ASN A 129 -15.04 18.58 -23.42
N LEU A 130 -15.99 18.82 -22.53
CA LEU A 130 -17.40 18.87 -22.85
C LEU A 130 -17.92 20.29 -22.81
N LYS A 131 -18.78 20.61 -23.77
CA LYS A 131 -19.49 21.88 -23.74
C LYS A 131 -20.98 21.59 -23.83
N LEU A 132 -21.81 22.59 -23.52
CA LEU A 132 -23.26 22.49 -23.67
C LEU A 132 -23.64 23.18 -24.97
N SER A 133 -24.50 22.52 -25.77
CA SER A 133 -24.77 22.90 -27.17
C SER A 133 -26.22 22.70 -27.61
N THR A 134 -26.63 23.31 -28.72
CA THR A 134 -27.92 22.99 -29.33
C THR A 134 -27.86 21.62 -30.03
N LEU A 135 -29.00 21.04 -30.33
CA LEU A 135 -29.05 19.76 -31.04
C LEU A 135 -28.72 19.85 -32.51
N ASN A 136 -28.32 18.70 -33.06
CA ASN A 136 -27.93 18.57 -34.47
C ASN A 136 -27.73 17.10 -34.79
N ASN A 137 -27.37 16.79 -36.03
CA ASN A 137 -27.24 15.41 -36.45
C ASN A 137 -25.81 14.89 -36.40
N SER A 138 -24.95 15.63 -35.73
CA SER A 138 -23.54 15.24 -35.62
C SER A 138 -23.27 14.19 -34.54
N SER A 139 -22.19 13.44 -34.74
CA SER A 139 -21.79 12.45 -33.75
C SER A 139 -21.26 13.08 -32.47
N TYR A 140 -20.98 14.38 -32.49
CA TYR A 140 -20.40 15.05 -31.31
C TYR A 140 -21.35 15.21 -30.13
N ILE A 141 -22.65 15.06 -30.36
CA ILE A 141 -23.60 15.08 -29.27
C ILE A 141 -24.10 13.69 -28.88
N LYS A 142 -23.43 12.65 -29.35
CA LYS A 142 -23.87 11.29 -29.11
C LYS A 142 -22.85 10.50 -28.29
N PHE A 143 -23.35 9.72 -27.33
CA PHE A 143 -22.48 9.09 -26.32
C PHE A 143 -22.85 7.65 -26.10
N ILE A 144 -21.84 6.88 -25.73
CA ILE A 144 -21.97 5.47 -25.43
C ILE A 144 -21.88 5.28 -23.91
N ILE A 145 -22.98 4.81 -23.33
CA ILE A 145 -23.05 4.60 -21.88
C ILE A 145 -23.04 3.09 -21.67
N GLU A 146 -22.05 2.58 -20.92
CA GLU A 146 -21.89 1.15 -20.75
C GLU A 146 -21.54 0.81 -19.32
N ASP A 147 -22.10 -0.28 -18.82
CA ASP A 147 -21.68 -0.85 -17.55
C ASP A 147 -20.15 -0.92 -17.52
N TYR A 148 -19.53 -0.46 -16.44
CA TYR A 148 -18.08 -0.27 -16.48
C TYR A 148 -17.30 -1.60 -16.56
N VAL A 149 -17.84 -2.70 -16.02
CA VAL A 149 -17.13 -3.96 -16.10
C VAL A 149 -17.11 -4.45 -17.55
N ILE A 150 -18.25 -4.35 -18.22
CA ILE A 150 -18.29 -4.69 -19.64
C ILE A 150 -17.36 -3.77 -20.46
N SER A 151 -17.41 -2.47 -20.17
CA SER A 151 -16.54 -1.53 -20.85
C SER A 151 -15.08 -1.90 -20.67
N ASP A 152 -14.68 -2.21 -19.44
CA ASP A 152 -13.30 -2.52 -19.15
C ASP A 152 -12.85 -3.84 -19.79
N PHE A 153 -13.72 -4.84 -19.80
CA PHE A 153 -13.29 -6.21 -20.08
C PHE A 153 -13.90 -6.85 -21.33
N LYS A 154 -14.59 -6.08 -22.15
CA LYS A 154 -15.26 -6.70 -23.29
C LYS A 154 -14.27 -7.09 -24.39
N ASN A 155 -13.13 -6.41 -24.44
CA ASN A 155 -12.12 -6.72 -25.44
C ASN A 155 -10.79 -6.17 -24.91
N PHE A 156 -10.14 -6.95 -24.07
CA PHE A 156 -9.03 -6.44 -23.30
C PHE A 156 -7.95 -7.50 -23.17
N THR A 157 -6.76 -7.21 -23.67
CA THR A 157 -5.60 -8.04 -23.42
C THR A 157 -4.96 -7.65 -22.09
N CYS A 158 -4.88 -8.65 -21.21
CA CYS A 158 -4.59 -8.41 -19.81
C CYS A 158 -3.65 -9.44 -19.22
N ARG A 159 -3.20 -9.13 -18.02
CA ARG A 159 -2.65 -10.10 -17.09
C ARG A 159 -3.56 -10.21 -15.88
N ILE A 160 -3.67 -11.43 -15.35
CA ILE A 160 -4.50 -11.73 -14.21
C ILE A 160 -3.61 -12.15 -13.07
N SER A 161 -3.70 -11.46 -11.93
CA SER A 161 -2.83 -11.74 -10.79
C SER A 161 -3.65 -11.93 -9.52
N PRO A 162 -3.21 -12.87 -8.66
CA PRO A 162 -3.88 -13.00 -7.38
C PRO A 162 -3.60 -11.79 -6.50
N ILE A 163 -4.58 -11.31 -5.73
CA ILE A 163 -4.28 -10.22 -4.82
C ILE A 163 -3.18 -10.60 -3.82
N LEU A 164 -2.98 -11.89 -3.58
CA LEU A 164 -1.95 -12.34 -2.64
C LEU A 164 -0.52 -12.29 -3.20
N ALA A 165 -0.40 -12.09 -4.50
CA ALA A 165 0.93 -12.07 -5.13
C ALA A 165 0.87 -11.22 -6.41
N GLY A 166 0.95 -9.91 -6.24
CA GLY A 166 0.77 -8.97 -7.32
C GLY A 166 1.81 -9.05 -8.43
N GLY A 167 2.96 -9.61 -8.14
CA GLY A 167 4.01 -9.76 -9.13
C GLY A 167 3.97 -11.05 -9.90
N LYS A 168 2.99 -11.89 -9.60
CA LYS A 168 2.83 -13.15 -10.30
C LYS A 168 1.52 -13.18 -11.04
N VAL A 169 1.43 -14.08 -12.00
CA VAL A 169 0.27 -14.14 -12.89
C VAL A 169 -0.21 -15.56 -13.15
N VAL A 170 -1.50 -15.63 -13.45
CA VAL A 170 -2.14 -16.82 -13.99
C VAL A 170 -1.67 -17.01 -15.42
N GLN A 171 -1.15 -18.20 -15.70
CA GLN A 171 -0.55 -18.45 -17.01
C GLN A 171 -0.82 -19.87 -17.47
N GLN A 172 -0.93 -20.01 -18.79
CA GLN A 172 -0.80 -21.32 -19.39
C GLN A 172 0.67 -21.72 -19.25
N VAL A 173 0.96 -22.98 -18.95
CA VAL A 173 2.36 -23.36 -18.67
C VAL A 173 3.28 -23.15 -19.86
N SER A 174 2.82 -23.59 -21.02
CA SER A 174 3.55 -23.38 -22.27
C SER A 174 2.60 -23.54 -23.44
N MET A 175 3.09 -23.34 -24.66
CA MET A 175 2.22 -23.49 -25.80
C MET A 175 1.60 -24.89 -25.85
N THR A 176 2.34 -25.91 -25.43
CA THR A 176 1.86 -27.28 -25.54
C THR A 176 1.38 -27.88 -24.22
N ASN A 177 1.77 -27.27 -23.11
CA ASN A 177 1.30 -27.71 -21.80
C ASN A 177 0.17 -26.81 -21.38
N LEU A 178 -1.05 -27.32 -21.51
CA LEU A 178 -2.26 -26.51 -21.34
C LEU A 178 -2.72 -26.36 -19.89
N ALA A 179 -1.95 -26.88 -18.95
CA ALA A 179 -2.21 -26.60 -17.55
C ALA A 179 -2.06 -25.11 -17.25
N VAL A 180 -2.69 -24.67 -16.15
CA VAL A 180 -2.68 -23.28 -15.76
C VAL A 180 -2.15 -23.18 -14.34
N ASN A 181 -1.16 -22.34 -14.15
CA ASN A 181 -0.54 -22.19 -12.85
C ASN A 181 -0.11 -20.75 -12.61
N LEU A 182 0.54 -20.53 -11.48
CA LEU A 182 1.03 -19.22 -11.08
C LEU A 182 2.53 -19.09 -11.33
N TYR A 183 2.97 -17.96 -11.88
CA TYR A 183 4.40 -17.75 -12.10
C TYR A 183 4.70 -16.27 -12.14
N ILE A 184 5.93 -15.91 -11.83
CA ILE A 184 6.34 -14.53 -11.89
C ILE A 184 6.10 -13.95 -13.29
N TRP A 185 5.66 -12.70 -13.33
CA TRP A 185 5.48 -11.98 -14.58
C TRP A 185 6.76 -11.87 -15.37
N ASN A 186 6.70 -12.25 -16.63
CA ASN A 186 7.84 -12.14 -17.52
C ASN A 186 7.43 -11.61 -18.90
N ASN A 187 6.21 -11.08 -19.00
CA ASN A 187 5.66 -10.61 -20.28
C ASN A 187 5.78 -11.63 -21.40
N ASP A 188 5.55 -12.89 -21.09
CA ASP A 188 5.49 -13.90 -22.14
C ASP A 188 4.05 -14.12 -22.62
N LEU A 189 3.90 -14.61 -23.85
CA LEU A 189 2.58 -14.69 -24.47
C LEU A 189 1.62 -15.56 -23.68
N ASN A 190 2.13 -16.65 -23.12
CA ASN A 190 1.33 -17.58 -22.33
C ASN A 190 0.85 -16.99 -21.01
N GLN A 191 1.36 -15.81 -20.66
CA GLN A 191 0.96 -15.13 -19.42
C GLN A 191 -0.03 -14.00 -19.67
N LYS A 192 -0.53 -13.90 -20.90
CA LYS A 192 -1.47 -12.85 -21.27
C LYS A 192 -2.74 -13.46 -21.84
N TRP A 193 -3.85 -12.78 -21.61
CA TRP A 193 -5.16 -13.28 -21.97
C TRP A 193 -5.95 -12.18 -22.63
N THR A 194 -6.68 -12.48 -23.70
CA THR A 194 -7.63 -11.50 -24.23
C THR A 194 -9.01 -11.87 -23.72
N ILE A 195 -9.63 -10.96 -22.98
CA ILE A 195 -10.98 -11.16 -22.47
C ILE A 195 -11.94 -10.66 -23.55
N ILE A 196 -12.92 -11.48 -23.87
CA ILE A 196 -13.93 -11.15 -24.85
C ILE A 196 -15.30 -11.41 -24.26
N TYR A 197 -16.15 -10.39 -24.30
CA TYR A 197 -17.51 -10.49 -23.79
C TYR A 197 -18.44 -11.00 -24.86
N ASN A 198 -19.21 -12.03 -24.50
CA ASN A 198 -20.28 -12.54 -25.34
C ASN A 198 -21.61 -11.99 -24.86
N GLU A 199 -22.23 -11.14 -25.70
CA GLU A 199 -23.46 -10.45 -25.34
C GLU A 199 -24.64 -11.40 -25.16
N GLU A 200 -24.73 -12.43 -26.00
CA GLU A 200 -25.82 -13.41 -25.95
C GLU A 200 -25.83 -14.15 -24.63
N LYS A 201 -24.65 -14.60 -24.24
CA LYS A 201 -24.49 -15.39 -23.03
C LYS A 201 -24.27 -14.52 -21.80
N ALA A 202 -24.04 -13.23 -22.03
CA ALA A 202 -23.70 -12.30 -20.96
C ALA A 202 -22.59 -12.88 -20.06
N ALA A 203 -21.52 -13.32 -20.71
CA ALA A 203 -20.40 -13.90 -20.02
C ALA A 203 -19.15 -13.70 -20.85
N TYR A 204 -18.01 -13.97 -20.24
CA TYR A 204 -16.70 -13.69 -20.85
C TYR A 204 -15.89 -14.94 -21.10
N GLN A 205 -15.04 -14.88 -22.10
CA GLN A 205 -14.01 -15.89 -22.30
C GLN A 205 -12.65 -15.27 -22.18
N PHE A 206 -11.68 -16.08 -21.76
CA PHE A 206 -10.30 -15.65 -21.62
C PHE A 206 -9.45 -16.46 -22.62
N PHE A 207 -9.01 -15.81 -23.69
CA PHE A 207 -8.22 -16.42 -24.74
C PHE A 207 -6.75 -16.25 -24.43
N ASN A 208 -6.02 -17.35 -24.33
CA ASN A 208 -4.61 -17.22 -24.05
C ASN A 208 -3.85 -16.77 -25.28
N LYS A 209 -2.96 -15.79 -25.12
CA LYS A 209 -2.28 -15.22 -26.28
C LYS A 209 -1.26 -16.11 -26.96
N ILE A 210 -0.91 -17.25 -26.37
CA ILE A 210 0.05 -18.12 -27.03
C ILE A 210 -0.64 -19.10 -28.00
N LEU A 211 -1.97 -19.15 -27.95
CA LEU A 211 -2.78 -19.95 -28.87
C LEU A 211 -3.74 -19.05 -29.65
N SER A 212 -4.36 -19.59 -30.68
CA SER A 212 -5.31 -18.78 -31.44
C SER A 212 -6.74 -18.97 -30.98
N ASN A 213 -7.04 -20.16 -30.48
CA ASN A 213 -8.42 -20.50 -30.12
C ASN A 213 -8.52 -21.19 -28.77
N GLY A 214 -7.57 -20.90 -27.90
CA GLY A 214 -7.50 -21.57 -26.61
C GLY A 214 -8.04 -20.70 -25.51
N VAL A 215 -9.01 -21.23 -24.78
CA VAL A 215 -9.66 -20.49 -23.72
C VAL A 215 -9.59 -21.16 -22.36
N LEU A 216 -9.56 -20.33 -21.33
CA LEU A 216 -9.55 -20.79 -19.94
C LEU A 216 -10.82 -21.61 -19.68
N THR A 217 -10.66 -22.86 -19.24
CA THR A 217 -11.78 -23.77 -19.15
C THR A 217 -11.79 -24.55 -17.85
N TRP A 218 -12.94 -24.66 -17.21
CA TRP A 218 -13.12 -25.64 -16.14
C TRP A 218 -13.33 -27.03 -16.74
N ILE A 219 -12.39 -27.94 -16.43
CA ILE A 219 -12.48 -29.33 -16.85
C ILE A 219 -13.31 -30.07 -15.83
N PHE A 220 -14.63 -29.95 -15.98
CA PHE A 220 -15.54 -30.44 -14.96
C PHE A 220 -15.57 -31.95 -14.88
N SER A 221 -15.08 -32.63 -15.92
CA SER A 221 -14.92 -34.07 -15.89
C SER A 221 -13.76 -34.49 -14.98
N ASP A 222 -12.95 -33.53 -14.50
CA ASP A 222 -11.79 -33.81 -13.65
C ASP A 222 -11.82 -32.90 -12.44
N GLY A 223 -12.91 -32.98 -11.70
CA GLY A 223 -12.97 -32.29 -10.44
C GLY A 223 -12.92 -30.78 -10.56
N ASN A 224 -11.88 -30.19 -9.97
CA ASN A 224 -11.70 -28.74 -9.94
C ASN A 224 -10.69 -28.22 -10.98
N THR A 225 -10.21 -29.09 -11.84
CA THR A 225 -9.16 -28.76 -12.78
C THR A 225 -9.53 -27.64 -13.73
N VAL A 226 -8.58 -26.74 -13.96
CA VAL A 226 -8.65 -25.72 -15.00
C VAL A 226 -7.52 -25.92 -15.99
N ARG A 227 -7.86 -25.88 -17.26
CA ARG A 227 -6.89 -25.99 -18.34
C ARG A 227 -7.31 -25.05 -19.45
N VAL A 228 -6.40 -24.75 -20.35
CA VAL A 228 -6.78 -24.09 -21.60
C VAL A 228 -7.25 -25.20 -22.52
N SER A 229 -8.34 -24.93 -23.23
CA SER A 229 -8.92 -25.85 -24.19
C SER A 229 -9.42 -25.09 -25.40
N SER A 230 -9.52 -25.78 -26.54
CA SER A 230 -10.03 -25.16 -27.74
C SER A 230 -11.46 -24.66 -27.54
N SER A 231 -11.74 -23.44 -27.97
CA SER A 231 -13.10 -22.92 -27.88
C SER A 231 -14.03 -23.89 -28.60
N ALA A 232 -15.06 -24.35 -27.89
CA ALA A 232 -16.00 -25.33 -28.41
C ALA A 232 -17.41 -24.78 -28.32
N GLN A 233 -18.17 -24.98 -29.39
CA GLN A 233 -19.47 -24.33 -29.54
C GLN A 233 -20.29 -24.26 -28.25
N ASN A 234 -20.53 -25.41 -27.63
CA ASN A 234 -21.56 -25.50 -26.59
C ASN A 234 -21.01 -25.93 -25.23
N ASN A 235 -20.02 -25.20 -24.72
CA ASN A 235 -19.50 -25.51 -23.40
C ASN A 235 -19.46 -24.29 -22.48
N ASP A 236 -20.47 -24.20 -21.62
CA ASP A 236 -20.59 -23.11 -20.68
C ASP A 236 -19.42 -23.08 -19.68
N ALA A 237 -18.70 -24.19 -19.53
CA ALA A 237 -17.52 -24.23 -18.65
C ALA A 237 -16.36 -23.40 -19.19
N GLN A 238 -16.48 -22.94 -20.43
CA GLN A 238 -15.48 -22.04 -21.02
C GLN A 238 -15.85 -20.57 -20.88
N TYR A 239 -16.94 -20.28 -20.16
CA TYR A 239 -17.39 -18.91 -19.95
C TYR A 239 -17.41 -18.58 -18.48
N TRP A 240 -17.29 -17.28 -18.19
CA TRP A 240 -17.06 -16.79 -16.84
C TRP A 240 -17.73 -15.47 -16.62
N LEU A 241 -18.08 -15.23 -15.36
CA LEU A 241 -18.66 -13.96 -14.93
C LEU A 241 -17.61 -13.22 -14.14
N ILE A 242 -17.49 -11.93 -14.38
CA ILE A 242 -16.49 -11.11 -13.70
C ILE A 242 -17.26 -10.15 -12.81
N ASN A 243 -17.05 -10.25 -11.49
CA ASN A 243 -17.78 -9.41 -10.56
C ASN A 243 -16.84 -8.70 -9.62
N PRO A 244 -17.02 -7.38 -9.49
CA PRO A 244 -16.20 -6.67 -8.51
C PRO A 244 -16.50 -7.08 -7.08
N VAL A 245 -15.46 -7.04 -6.26
CA VAL A 245 -15.57 -7.38 -4.86
C VAL A 245 -16.15 -6.19 -4.13
N SER A 246 -17.22 -6.45 -3.37
CA SER A 246 -18.00 -5.41 -2.71
C SER A 246 -17.15 -4.31 -2.09
N ASP A 250 -10.62 -2.43 -7.34
CA ASP A 250 -10.55 -3.19 -8.59
C ASP A 250 -9.99 -4.59 -8.36
N ARG A 251 -10.74 -5.30 -7.55
CA ARG A 251 -10.52 -6.70 -7.32
C ARG A 251 -11.80 -7.39 -7.76
N TYR A 252 -11.63 -8.60 -8.30
CA TYR A 252 -12.72 -9.33 -8.95
C TYR A 252 -12.74 -10.78 -8.56
N THR A 253 -13.95 -11.35 -8.49
CA THR A 253 -14.08 -12.80 -8.54
C THR A 253 -14.39 -13.17 -9.97
N ILE A 254 -14.04 -14.41 -10.34
CA ILE A 254 -14.21 -14.89 -11.68
C ILE A 254 -14.97 -16.21 -11.53
N THR A 255 -16.25 -16.19 -11.90
CA THR A 255 -17.19 -17.26 -11.59
C THR A 255 -17.47 -18.06 -12.85
N ASN A 256 -17.46 -19.39 -12.77
CA ASN A 256 -17.73 -20.18 -13.97
C ASN A 256 -19.23 -20.20 -14.30
N LEU A 257 -19.55 -20.10 -15.58
CA LEU A 257 -20.95 -20.03 -15.99
C LEU A 257 -21.67 -21.37 -15.84
N ARG A 258 -20.95 -22.47 -16.00
CA ARG A 258 -21.58 -23.78 -15.91
C ARG A 258 -22.13 -24.03 -14.50
N ASP A 259 -21.40 -23.59 -13.48
CA ASP A 259 -21.80 -23.75 -12.08
C ASP A 259 -21.31 -22.53 -11.31
N LYS A 260 -22.24 -21.63 -11.02
CA LYS A 260 -21.89 -20.33 -10.47
C LYS A 260 -21.50 -20.38 -9.00
N THR A 261 -21.50 -21.57 -8.41
CA THR A 261 -20.85 -21.74 -7.10
C THR A 261 -19.34 -21.92 -7.21
N LYS A 262 -18.83 -22.09 -8.43
CA LYS A 262 -17.41 -22.38 -8.65
C LYS A 262 -16.70 -21.13 -9.13
N VAL A 263 -15.62 -20.76 -8.46
CA VAL A 263 -14.89 -19.54 -8.82
C VAL A 263 -13.40 -19.88 -9.02
N LEU A 264 -12.70 -19.05 -9.79
CA LEU A 264 -11.27 -19.21 -10.00
C LEU A 264 -10.56 -19.06 -8.67
N ASP A 265 -9.61 -19.95 -8.41
CA ASP A 265 -9.08 -20.18 -7.07
C ASP A 265 -7.59 -20.49 -7.15
N LEU A 266 -6.81 -19.77 -6.37
CA LEU A 266 -5.39 -20.03 -6.21
C LEU A 266 -5.23 -21.03 -5.09
N TYR A 267 -4.74 -22.22 -5.43
CA TYR A 267 -4.71 -23.35 -4.49
C TYR A 267 -4.10 -22.98 -3.14
N GLY A 268 -4.91 -23.12 -2.08
CA GLY A 268 -4.46 -22.91 -0.72
C GLY A 268 -3.97 -21.53 -0.36
N GLY A 269 -4.21 -20.55 -1.22
CA GLY A 269 -3.57 -19.25 -1.15
C GLY A 269 -2.05 -19.29 -1.21
N GLN A 270 -1.50 -20.36 -1.77
CA GLN A 270 -0.06 -20.52 -1.93
C GLN A 270 0.42 -19.60 -3.05
N THR A 271 1.58 -18.98 -2.86
CA THR A 271 2.07 -18.01 -3.84
C THR A 271 3.38 -18.44 -4.47
N ALA A 272 3.84 -19.65 -4.20
CA ALA A 272 5.04 -20.16 -4.86
C ALA A 272 4.82 -20.30 -6.36
N ASP A 273 5.90 -20.09 -7.12
CA ASP A 273 5.85 -20.41 -8.53
C ASP A 273 5.36 -21.85 -8.67
N GLY A 274 4.48 -22.07 -9.64
CA GLY A 274 3.96 -23.40 -9.91
C GLY A 274 2.66 -23.72 -9.19
N THR A 275 2.20 -22.85 -8.31
CA THR A 275 0.95 -23.10 -7.58
C THR A 275 -0.17 -23.28 -8.59
N THR A 276 -1.03 -24.25 -8.33
CA THR A 276 -2.16 -24.57 -9.16
C THR A 276 -3.21 -23.46 -9.16
N ILE A 277 -3.72 -23.18 -10.35
CA ILE A 277 -4.93 -22.40 -10.53
C ILE A 277 -6.03 -23.38 -10.88
N GLN A 278 -7.19 -23.25 -10.22
CA GLN A 278 -8.26 -24.20 -10.36
C GLN A 278 -9.59 -23.48 -10.18
N VAL A 279 -10.70 -24.20 -10.13
CA VAL A 279 -11.93 -23.64 -9.58
C VAL A 279 -12.14 -24.26 -8.22
N PHE A 280 -13.01 -23.63 -7.45
CA PHE A 280 -13.34 -24.13 -6.13
C PHE A 280 -14.65 -23.52 -5.68
N ASN A 281 -15.29 -24.15 -4.70
CA ASN A 281 -16.47 -23.55 -4.08
C ASN A 281 -16.17 -22.13 -3.63
N SER A 282 -17.06 -21.20 -3.95
CA SER A 282 -16.91 -19.82 -3.51
C SER A 282 -16.87 -19.75 -1.99
N ASN A 283 -15.82 -19.15 -1.43
CA ASN A 283 -15.71 -19.13 0.02
C ASN A 283 -15.21 -17.81 0.61
N GLY A 284 -15.10 -16.81 -0.25
CA GLY A 284 -14.74 -15.46 0.19
C GLY A 284 -13.27 -15.26 0.50
N GLY A 285 -12.44 -16.24 0.22
CA GLY A 285 -11.03 -16.14 0.55
C GLY A 285 -10.30 -15.17 -0.34
N ASP A 286 -9.20 -14.61 0.19
CA ASP A 286 -8.36 -13.72 -0.60
C ASP A 286 -7.80 -14.45 -1.83
N ASN A 287 -7.67 -15.78 -1.75
CA ASN A 287 -7.19 -16.60 -2.85
C ASN A 287 -8.21 -16.81 -3.97
N GLN A 288 -9.37 -16.17 -3.87
CA GLN A 288 -10.38 -16.19 -4.92
C GLN A 288 -10.62 -14.78 -5.48
N LYS A 289 -9.72 -13.86 -5.17
CA LYS A 289 -9.83 -12.47 -5.63
C LYS A 289 -8.64 -12.15 -6.51
N TRP A 290 -8.91 -11.39 -7.59
CA TRP A 290 -7.94 -11.20 -8.67
C TRP A 290 -7.86 -9.75 -9.12
N ASN A 291 -6.68 -9.36 -9.54
CA ASN A 291 -6.49 -8.11 -10.25
C ASN A 291 -6.41 -8.42 -11.73
N ILE A 292 -7.01 -7.57 -12.56
CA ILE A 292 -7.03 -7.76 -13.99
C ILE A 292 -6.51 -6.46 -14.59
N ARG A 293 -5.30 -6.50 -15.15
CA ARG A 293 -4.54 -5.32 -15.48
C ARG A 293 -3.92 -5.35 -16.86
N ASN A 294 -3.57 -4.18 -17.36
CA ASN A 294 -2.87 -4.07 -18.63
C ASN A 294 -1.46 -4.62 -18.46
N PRO A 295 -0.90 -5.25 -19.49
CA PRO A 295 0.51 -5.65 -19.34
C PRO A 295 1.45 -4.46 -19.41
N LEU B 12 31.42 4.32 13.58
CA LEU B 12 30.13 4.94 13.31
C LEU B 12 29.76 4.90 11.84
N ASN B 13 30.73 4.57 10.99
CA ASN B 13 30.52 4.59 9.55
C ASN B 13 29.39 3.68 9.13
N ASP B 14 28.50 4.23 8.31
CA ASP B 14 27.41 3.50 7.70
C ASP B 14 26.29 3.19 8.69
N LYS B 15 26.45 3.61 9.94
CA LYS B 15 25.42 3.36 10.96
C LYS B 15 24.23 4.30 10.81
N ILE B 16 23.03 3.77 10.98
CA ILE B 16 21.79 4.52 10.88
C ILE B 16 21.31 4.85 12.30
N VAL B 17 21.22 6.15 12.59
CA VAL B 17 20.99 6.62 13.95
C VAL B 17 19.82 7.60 14.04
N THR B 18 19.36 7.80 15.26
CA THR B 18 18.59 9.00 15.59
C THR B 18 19.49 9.95 16.37
N ILE B 19 19.14 11.23 16.30
CA ILE B 19 19.87 12.29 17.00
C ILE B 19 18.85 13.12 17.76
N SER B 20 18.99 13.12 19.08
CA SER B 20 18.05 13.81 19.94
C SER B 20 18.82 14.75 20.88
N CYS B 21 18.07 15.61 21.56
CA CYS B 21 18.66 16.76 22.24
C CYS B 21 18.85 16.48 23.71
N LYS B 22 20.07 16.66 24.22
CA LYS B 22 20.28 16.56 25.65
C LYS B 22 19.39 17.58 26.40
N ALA B 23 19.17 18.75 25.79
CA ALA B 23 18.33 19.80 26.41
C ALA B 23 16.84 19.41 26.49
N ASN B 24 16.42 18.47 25.64
CA ASN B 24 15.06 17.97 25.65
C ASN B 24 15.06 16.65 24.89
N THR B 25 15.11 15.54 25.63
CA THR B 25 15.29 14.22 25.05
C THR B 25 14.06 13.74 24.30
N ASP B 26 12.97 14.50 24.41
CA ASP B 26 11.76 14.28 23.62
C ASP B 26 11.92 14.73 22.18
N LEU B 27 12.98 15.48 21.88
CA LEU B 27 13.12 16.16 20.57
C LEU B 27 14.24 15.56 19.73
N PHE B 28 13.89 15.25 18.49
CA PHE B 28 14.73 14.51 17.56
C PHE B 28 14.92 15.28 16.27
N PHE B 29 16.08 15.11 15.64
CA PHE B 29 16.31 15.71 14.32
C PHE B 29 15.36 15.07 13.31
N TYR B 30 14.58 15.91 12.64
CA TYR B 30 13.50 15.46 11.77
C TYR B 30 13.60 16.17 10.44
N GLN B 31 13.64 15.40 9.37
CA GLN B 31 13.69 15.94 8.04
C GLN B 31 12.27 16.14 7.55
N VAL B 32 11.88 17.41 7.41
CA VAL B 32 10.50 17.73 7.10
C VAL B 32 10.15 17.32 5.66
N PRO B 33 9.13 16.48 5.46
CA PRO B 33 8.75 16.10 4.10
C PRO B 33 8.45 17.29 3.19
N GLY B 34 8.90 17.19 1.95
CA GLY B 34 8.48 18.11 0.91
C GLY B 34 9.48 19.20 0.61
N ASN B 35 10.36 19.46 1.56
CA ASN B 35 11.34 20.50 1.41
C ASN B 35 12.65 20.04 2.04
N GLY B 36 13.57 20.96 2.21
CA GLY B 36 14.85 20.62 2.81
C GLY B 36 14.92 21.01 4.27
N ASN B 37 13.79 21.27 4.91
CA ASN B 37 13.83 21.77 6.30
C ASN B 37 14.21 20.68 7.26
N VAL B 38 14.87 21.08 8.33
CA VAL B 38 15.15 20.20 9.45
C VAL B 38 14.57 20.81 10.70
N SER B 39 13.79 20.02 11.42
CA SER B 39 13.20 20.51 12.64
C SER B 39 13.56 19.62 13.81
N LEU B 40 13.21 20.09 15.00
CA LEU B 40 13.27 19.26 16.20
C LEU B 40 11.86 18.85 16.48
N PHE B 41 11.61 17.54 16.53
CA PHE B 41 10.26 17.00 16.49
C PHE B 41 10.15 15.85 17.49
N GLN B 42 8.93 15.56 17.91
CA GLN B 42 8.70 14.44 18.82
C GLN B 42 9.11 13.13 18.15
N GLN B 43 9.32 12.11 18.97
CA GLN B 43 9.80 10.83 18.49
C GLN B 43 8.78 10.19 17.57
N THR B 44 9.18 9.84 16.36
CA THR B 44 8.28 9.25 15.37
C THR B 44 8.56 7.77 15.09
N ARG B 45 9.77 7.32 15.45
CA ARG B 45 10.14 5.93 15.19
C ARG B 45 9.97 5.55 13.73
N ASN B 46 10.35 6.47 12.85
CA ASN B 46 10.31 6.22 11.42
C ASN B 46 11.48 6.94 10.72
N TYR B 47 11.54 6.74 9.40
CA TYR B 47 12.70 7.14 8.62
C TYR B 47 12.93 8.65 8.65
N LEU B 48 11.89 9.44 8.94
CA LEU B 48 12.06 10.89 8.96
C LEU B 48 13.07 11.35 10.04
N GLU B 49 13.26 10.53 11.06
CA GLU B 49 14.18 10.81 12.14
C GLU B 49 15.43 9.93 12.13
N ARG B 50 15.69 9.31 10.98
CA ARG B 50 16.87 8.43 10.85
C ARG B 50 17.88 9.07 9.92
N TRP B 51 19.15 8.91 10.26
CA TRP B 51 20.25 9.54 9.57
C TRP B 51 21.39 8.53 9.46
N ARG B 52 21.95 8.37 8.27
CA ARG B 52 23.14 7.54 8.10
C ARG B 52 24.39 8.36 8.32
N ILE B 53 25.25 7.89 9.21
CA ILE B 53 26.54 8.52 9.48
C ILE B 53 27.56 7.99 8.49
N ILE B 54 28.20 8.89 7.74
CA ILE B 54 29.10 8.55 6.64
C ILE B 54 30.46 9.18 6.85
N TYR B 55 31.45 8.34 7.02
CA TYR B 55 32.79 8.79 7.33
C TYR B 55 33.63 9.06 6.08
N ASP B 56 34.35 10.19 6.06
CA ASP B 56 35.32 10.50 5.01
C ASP B 56 36.71 10.51 5.65
N SER B 57 37.59 9.66 5.14
CA SER B 57 38.90 9.45 5.75
C SER B 57 39.87 10.62 5.54
N ASN B 58 39.66 11.40 4.48
CA ASN B 58 40.50 12.57 4.22
C ASN B 58 40.22 13.72 5.15
N LYS B 59 38.94 13.97 5.38
CA LYS B 59 38.52 15.05 6.25
C LYS B 59 38.52 14.59 7.71
N ALA B 60 38.56 13.29 7.91
CA ALA B 60 38.34 12.71 9.25
C ALA B 60 37.08 13.30 9.84
N ALA B 61 36.05 13.35 9.02
CA ALA B 61 34.81 13.98 9.42
C ALA B 61 33.66 13.20 8.82
N TYR B 62 32.45 13.58 9.18
CA TYR B 62 31.27 12.81 8.82
C TYR B 62 30.19 13.62 8.14
N LYS B 63 29.51 12.97 7.19
CA LYS B 63 28.24 13.46 6.68
C LYS B 63 27.12 12.82 7.46
N ILE B 64 25.99 13.52 7.52
CA ILE B 64 24.83 13.03 8.25
C ILE B 64 23.67 13.06 7.27
N LYS B 65 23.32 11.88 6.76
CA LYS B 65 22.46 11.76 5.59
C LYS B 65 21.05 11.27 5.94
N SER B 66 20.03 12.00 5.51
CA SER B 66 18.68 11.63 5.86
C SER B 66 18.26 10.30 5.21
N MET B 67 17.51 9.49 5.95
CA MET B 67 16.93 8.28 5.39
C MET B 67 15.57 8.52 4.72
N ASN B 68 15.25 9.78 4.44
CA ASN B 68 14.12 10.12 3.57
C ASN B 68 14.04 9.17 2.38
N ILE B 69 12.96 8.42 2.27
CA ILE B 69 12.89 7.42 1.21
C ILE B 69 12.61 8.03 -0.17
N TYR B 70 12.06 9.25 -0.19
CA TYR B 70 11.70 9.88 -1.45
C TYR B 70 12.86 10.68 -2.06
N ASN B 71 13.66 11.32 -1.22
CA ASN B 71 14.90 11.95 -1.67
C ASN B 71 16.02 11.49 -0.76
N THR B 72 16.88 10.63 -1.29
CA THR B 72 17.74 9.81 -0.48
C THR B 72 19.16 10.31 -0.34
N ASN B 73 19.47 11.46 -0.95
CA ASN B 73 20.82 12.01 -0.83
C ASN B 73 20.84 13.42 -0.23
N LEU B 74 19.97 13.66 0.73
CA LEU B 74 20.02 14.90 1.51
C LEU B 74 20.91 14.73 2.73
N VAL B 75 21.77 15.71 2.95
CA VAL B 75 22.66 15.72 4.11
C VAL B 75 22.53 17.00 4.93
N LEU B 76 22.76 16.88 6.22
CA LEU B 76 22.72 18.03 7.13
C LEU B 76 23.79 19.03 6.68
N THR B 77 23.36 20.28 6.48
CA THR B 77 24.14 21.32 5.84
C THR B 77 24.05 22.64 6.58
N TRP B 78 25.21 23.28 6.80
CA TRP B 78 25.27 24.62 7.33
C TRP B 78 25.15 25.58 6.16
N ASN B 79 24.08 26.36 6.14
CA ASN B 79 23.84 27.30 5.04
C ASN B 79 24.57 28.62 5.23
N ALA B 80 25.89 28.52 5.28
CA ALA B 80 26.75 29.68 5.35
C ALA B 80 26.48 30.60 4.17
N PRO B 81 26.50 31.93 4.39
CA PRO B 81 26.94 32.61 5.62
C PRO B 81 25.90 32.79 6.71
N THR B 82 24.69 32.26 6.55
CA THR B 82 23.71 32.33 7.61
C THR B 82 24.07 31.31 8.67
N HIS B 83 23.35 31.31 9.79
CA HIS B 83 23.56 30.27 10.80
C HIS B 83 22.51 29.16 10.71
N ASN B 84 21.82 29.05 9.58
CA ASN B 84 20.74 28.09 9.45
C ASN B 84 21.26 26.73 9.01
N ILE B 85 20.51 25.71 9.41
CA ILE B 85 20.84 24.33 9.15
C ILE B 85 19.68 23.67 8.41
N SER B 86 19.96 23.01 7.30
CA SER B 86 18.92 22.36 6.53
C SER B 86 19.43 21.05 5.96
N ALA B 87 18.58 20.35 5.19
CA ALA B 87 19.04 19.17 4.49
C ALA B 87 19.12 19.46 2.99
N GLN B 88 20.32 19.36 2.43
CA GLN B 88 20.56 19.73 1.05
C GLN B 88 21.19 18.58 0.30
N GLN B 89 21.07 18.58 -1.02
CA GLN B 89 21.69 17.56 -1.86
C GLN B 89 23.17 17.42 -1.52
N ASP B 90 23.61 16.18 -1.31
CA ASP B 90 24.99 15.90 -0.98
C ASP B 90 25.90 16.24 -2.16
N SER B 91 26.83 17.16 -1.94
CA SER B 91 27.86 17.43 -2.95
C SER B 91 29.25 17.31 -2.31
N ASN B 92 29.30 16.64 -1.17
CA ASN B 92 30.53 16.49 -0.39
C ASN B 92 31.21 17.79 -0.02
N ALA B 93 30.42 18.84 0.13
CA ALA B 93 30.95 20.17 0.46
C ALA B 93 31.37 20.26 1.92
N ASP B 94 32.31 21.15 2.19
CA ASP B 94 32.80 21.33 3.55
C ASP B 94 31.69 21.65 4.55
N ASN B 95 30.67 22.38 4.11
CA ASN B 95 29.55 22.73 4.97
C ASN B 95 28.56 21.58 5.14
N GLN B 96 28.93 20.41 4.62
CA GLN B 96 28.15 19.19 4.79
C GLN B 96 28.90 18.14 5.62
N TYR B 97 30.05 18.52 6.17
CA TYR B 97 30.84 17.63 7.03
C TYR B 97 30.88 18.14 8.45
N TRP B 98 31.00 17.20 9.38
CA TRP B 98 30.86 17.46 10.80
C TRP B 98 31.86 16.63 11.60
N LEU B 99 32.39 17.22 12.66
CA LEU B 99 33.21 16.51 13.62
C LEU B 99 32.28 15.98 14.69
N LEU B 100 32.35 14.68 14.98
CA LEU B 100 31.54 14.08 16.03
C LEU B 100 32.42 13.91 17.27
N LEU B 101 32.21 14.82 18.23
CA LEU B 101 33.04 14.92 19.43
C LEU B 101 32.27 14.43 20.64
N LYS B 102 32.67 13.28 21.16
CA LYS B 102 31.97 12.67 22.28
C LYS B 102 32.49 13.20 23.60
N ASP B 103 31.64 13.90 24.34
CA ASP B 103 31.98 14.36 25.67
C ASP B 103 31.90 13.17 26.59
N ILE B 104 33.05 12.65 26.96
CA ILE B 104 33.09 11.47 27.79
C ILE B 104 32.61 11.79 29.23
N GLY B 105 32.54 13.07 29.58
CA GLY B 105 32.06 13.48 30.89
C GLY B 105 30.53 13.63 30.97
N ASN B 106 29.87 13.59 29.81
CA ASN B 106 28.41 13.71 29.76
C ASN B 106 27.72 12.65 28.90
N ASN B 107 28.52 11.73 28.33
CA ASN B 107 28.02 10.74 27.40
C ASN B 107 27.10 11.35 26.31
N SER B 108 27.54 12.44 25.70
CA SER B 108 26.79 13.11 24.67
C SER B 108 27.76 13.67 23.67
N PHE B 109 27.26 14.18 22.56
CA PHE B 109 28.10 14.67 21.48
C PHE B 109 27.93 16.15 21.23
N ILE B 110 29.05 16.78 20.93
CA ILE B 110 29.09 18.07 20.26
C ILE B 110 29.31 17.78 18.78
N ILE B 111 28.55 18.47 17.94
CA ILE B 111 28.61 18.25 16.51
C ILE B 111 29.13 19.54 15.87
N ALA B 112 30.41 19.54 15.52
CA ALA B 112 31.09 20.74 15.06
C ALA B 112 31.22 20.78 13.54
N SER B 113 31.08 21.97 12.95
CA SER B 113 31.21 22.10 11.50
C SER B 113 32.63 21.89 11.02
N TYR B 114 32.80 21.00 10.04
CA TYR B 114 34.12 20.79 9.45
C TYR B 114 34.62 22.08 8.78
N LYS B 115 33.70 22.80 8.14
CA LYS B 115 34.03 24.07 7.52
C LYS B 115 34.57 25.09 8.52
N ASN B 116 33.93 25.20 9.68
CA ASN B 116 34.43 26.02 10.78
C ASN B 116 34.16 25.34 12.10
N PRO B 117 35.16 24.60 12.60
CA PRO B 117 34.94 23.82 13.83
C PRO B 117 34.72 24.66 15.06
N ASN B 118 34.94 25.97 14.97
CA ASN B 118 34.57 26.88 16.05
C ASN B 118 33.06 27.01 16.23
N LEU B 119 32.31 26.50 15.25
CA LEU B 119 30.86 26.62 15.25
C LEU B 119 30.26 25.21 15.32
N VAL B 120 29.30 25.04 16.21
CA VAL B 120 28.72 23.74 16.50
C VAL B 120 27.19 23.81 16.47
N LEU B 121 26.54 22.67 16.26
CA LEU B 121 25.09 22.62 16.27
C LEU B 121 24.54 23.03 17.63
N TYR B 122 23.43 23.76 17.57
CA TYR B 122 22.74 24.25 18.74
C TYR B 122 21.26 23.96 18.54
N ALA B 123 20.67 23.29 19.51
CA ALA B 123 19.26 22.97 19.50
C ALA B 123 18.45 24.15 20.00
N ASP B 124 17.79 24.85 19.09
CA ASP B 124 16.90 25.93 19.47
C ASP B 124 15.54 25.28 19.72
N THR B 125 15.33 24.88 20.97
CA THR B 125 14.15 24.11 21.32
C THR B 125 12.85 24.92 21.24
N VAL B 126 12.95 26.23 21.39
CA VAL B 126 11.79 27.11 21.25
C VAL B 126 11.40 27.24 19.78
N ALA B 127 12.40 27.45 18.92
CA ALA B 127 12.15 27.57 17.48
C ALA B 127 11.91 26.22 16.82
N ARG B 128 12.25 25.16 17.55
CA ARG B 128 12.22 23.79 17.04
C ARG B 128 13.04 23.60 15.77
N ASN B 129 14.26 24.11 15.81
CA ASN B 129 15.18 23.92 14.71
C ASN B 129 16.61 23.98 15.21
N LEU B 130 17.57 23.79 14.30
CA LEU B 130 18.98 23.81 14.62
C LEU B 130 19.62 25.07 14.09
N LYS B 131 20.58 25.60 14.84
CA LYS B 131 21.38 26.70 14.38
C LYS B 131 22.84 26.35 14.62
N LEU B 132 23.75 27.10 14.02
CA LEU B 132 25.18 26.92 14.27
C LEU B 132 25.62 28.04 15.20
N SER B 133 26.43 27.69 16.22
CA SER B 133 26.79 28.63 17.29
C SER B 133 28.20 28.36 17.85
N THR B 134 28.71 29.29 18.62
CA THR B 134 29.96 29.03 19.34
C THR B 134 29.69 28.03 20.47
N LEU B 135 30.74 27.61 21.17
CA LEU B 135 30.60 26.63 22.24
C LEU B 135 30.32 27.25 23.61
N ASN B 136 29.87 26.40 24.53
CA ASN B 136 29.53 26.78 25.90
C ASN B 136 29.28 25.48 26.69
N ASN B 137 28.94 25.60 27.98
CA ASN B 137 28.68 24.40 28.79
C ASN B 137 27.20 24.04 28.87
N SER B 138 26.40 24.65 28.01
CA SER B 138 24.97 24.40 28.04
C SER B 138 24.59 23.08 27.37
N SER B 139 23.45 22.54 27.78
CA SER B 139 22.96 21.32 27.19
C SER B 139 22.49 21.51 25.75
N TYR B 140 22.35 22.75 25.29
CA TYR B 140 21.78 22.98 23.98
C TYR B 140 22.73 22.64 22.84
N ILE B 141 24.01 22.43 23.14
CA ILE B 141 24.94 22.01 22.12
C ILE B 141 25.32 20.54 22.26
N LYS B 142 24.53 19.80 23.04
CA LYS B 142 24.84 18.40 23.31
C LYS B 142 23.73 17.51 22.79
N PHE B 143 24.14 16.41 22.15
CA PHE B 143 23.21 15.55 21.42
C PHE B 143 23.44 14.08 21.76
N ILE B 144 22.35 13.35 21.68
CA ILE B 144 22.33 11.91 21.90
C ILE B 144 22.23 11.21 20.56
N ILE B 145 23.30 10.49 20.20
CA ILE B 145 23.36 9.77 18.93
C ILE B 145 23.25 8.30 19.21
N GLU B 146 22.22 7.64 18.65
CA GLU B 146 21.90 6.27 19.02
C GLU B 146 21.48 5.48 17.80
N ASP B 147 21.94 4.24 17.74
CA ASP B 147 21.48 3.28 16.76
C ASP B 147 19.96 3.32 16.72
N TYR B 148 19.36 3.40 15.54
CA TYR B 148 17.94 3.70 15.50
C TYR B 148 17.05 2.62 16.10
N VAL B 149 17.49 1.36 16.01
CA VAL B 149 16.71 0.28 16.58
C VAL B 149 16.70 0.40 18.09
N ILE B 150 17.86 0.66 18.67
CA ILE B 150 17.95 0.91 20.10
C ILE B 150 17.08 2.11 20.47
N SER B 151 17.18 3.18 19.71
CA SER B 151 16.37 4.35 20.01
C SER B 151 14.90 4.03 19.94
N ASP B 152 14.48 3.29 18.91
CA ASP B 152 13.06 2.99 18.78
C ASP B 152 12.56 2.06 19.89
N PHE B 153 13.37 1.10 20.31
CA PHE B 153 12.87 -0.03 21.10
C PHE B 153 13.48 -0.16 22.49
N LYS B 154 14.17 0.86 22.98
CA LYS B 154 14.84 0.71 24.27
C LYS B 154 13.88 0.84 25.44
N ASN B 155 12.75 1.50 25.21
CA ASN B 155 11.72 1.65 26.23
C ASN B 155 10.41 2.00 25.54
N PHE B 156 9.73 0.98 25.02
CA PHE B 156 8.63 1.21 24.10
C PHE B 156 7.49 0.24 24.34
N THR B 157 6.31 0.78 24.65
CA THR B 157 5.11 -0.05 24.77
C THR B 157 4.52 -0.24 23.38
N CYS B 158 4.37 -1.50 23.00
CA CYS B 158 4.14 -1.82 21.62
C CYS B 158 3.12 -2.95 21.49
N ARG B 159 2.70 -3.14 20.25
CA ARG B 159 2.12 -4.41 19.81
C ARG B 159 3.01 -4.99 18.72
N ILE B 160 3.06 -6.32 18.66
CA ILE B 160 3.91 -7.06 17.76
C ILE B 160 2.98 -7.84 16.86
N SER B 161 3.10 -7.64 15.55
CA SER B 161 2.21 -8.29 14.59
CA SER B 161 2.21 -8.29 14.59
C SER B 161 2.99 -9.03 13.51
N PRO B 162 2.51 -10.20 13.11
CA PRO B 162 3.16 -10.86 11.98
C PRO B 162 2.90 -10.11 10.67
N ILE B 163 3.86 -10.06 9.75
CA ILE B 163 3.56 -9.44 8.47
C ILE B 163 2.46 -10.17 7.69
N LEU B 164 2.18 -11.42 8.04
CA LEU B 164 1.17 -12.21 7.34
C LEU B 164 -0.25 -11.87 7.83
N ALA B 165 -0.35 -11.18 8.96
CA ALA B 165 -1.67 -10.82 9.52
C ALA B 165 -1.52 -9.56 10.35
N GLY B 166 -1.47 -8.44 9.66
CA GLY B 166 -1.18 -7.16 10.28
C GLY B 166 -2.21 -6.68 11.29
N GLY B 167 -3.40 -7.25 11.28
CA GLY B 167 -4.42 -6.89 12.26
C GLY B 167 -4.47 -7.80 13.48
N LYS B 168 -3.53 -8.74 13.55
CA LYS B 168 -3.43 -9.65 14.69
C LYS B 168 -2.11 -9.44 15.40
N VAL B 169 -2.03 -9.90 16.64
CA VAL B 169 -0.88 -9.63 17.47
C VAL B 169 -0.44 -10.84 18.28
N VAL B 170 0.85 -10.83 18.64
CA VAL B 170 1.41 -11.72 19.63
C VAL B 170 0.88 -11.31 21.01
N GLN B 171 0.27 -12.26 21.72
CA GLN B 171 -0.31 -11.98 23.04
C GLN B 171 -0.04 -13.10 24.02
N GLN B 172 0.07 -12.74 25.30
CA GLN B 172 -0.08 -13.72 26.36
C GLN B 172 -1.58 -14.10 26.39
N VAL B 173 -1.90 -15.37 26.60
CA VAL B 173 -3.30 -15.80 26.48
C VAL B 173 -4.23 -15.11 27.48
N SER B 174 -3.79 -15.03 28.73
CA SER B 174 -4.55 -14.37 29.78
C SER B 174 -3.61 -14.09 30.92
N MET B 175 -4.10 -13.45 31.96
CA MET B 175 -3.21 -13.14 33.06
C MET B 175 -2.61 -14.40 33.65
N THR B 176 -3.41 -15.48 33.72
CA THR B 176 -2.99 -16.72 34.37
C THR B 176 -2.52 -17.80 33.41
N ASN B 177 -2.85 -17.68 32.13
CA ASN B 177 -2.36 -18.61 31.12
C ASN B 177 -1.21 -17.93 30.40
N LEU B 178 0.00 -18.38 30.71
CA LEU B 178 1.24 -17.74 30.23
C LEU B 178 1.69 -18.20 28.87
N ALA B 179 0.89 -19.05 28.22
CA ALA B 179 1.13 -19.33 26.81
C ALA B 179 1.04 -18.07 25.97
N VAL B 180 1.64 -18.13 24.79
CA VAL B 180 1.70 -17.01 23.88
C VAL B 180 1.19 -17.48 22.53
N ASN B 181 0.25 -16.73 21.98
CA ASN B 181 -0.35 -17.09 20.72
C ASN B 181 -0.72 -15.86 19.92
N LEU B 182 -1.28 -16.08 18.74
CA LEU B 182 -1.72 -15.01 17.86
C LEU B 182 -3.21 -14.76 18.06
N TYR B 183 -3.60 -13.51 18.08
CA TYR B 183 -5.02 -13.19 18.24
C TYR B 183 -5.32 -11.82 17.64
N ILE B 184 -6.54 -11.65 17.11
CA ILE B 184 -6.91 -10.36 16.56
C ILE B 184 -6.72 -9.26 17.61
N TRP B 185 -6.34 -8.07 17.17
CA TRP B 185 -6.13 -6.95 18.09
C TRP B 185 -7.41 -6.54 18.80
N ASN B 186 -7.34 -6.42 20.13
CA ASN B 186 -8.49 -5.95 20.90
C ASN B 186 -8.12 -4.97 22.02
N ASN B 187 -6.84 -4.59 22.06
CA ASN B 187 -6.31 -3.67 23.06
C ASN B 187 -6.37 -4.16 24.50
N ASP B 188 -6.56 -5.46 24.72
CA ASP B 188 -6.42 -6.01 26.06
C ASP B 188 -4.95 -5.89 26.52
N LEU B 189 -4.74 -5.74 27.82
CA LEU B 189 -3.41 -5.52 28.38
C LEU B 189 -2.45 -6.63 27.97
N ASN B 190 -2.94 -7.85 27.92
CA ASN B 190 -2.12 -9.00 27.54
C ASN B 190 -1.65 -9.02 26.08
N GLN B 191 -2.15 -8.08 25.28
CA GLN B 191 -1.72 -7.92 23.89
C GLN B 191 -0.63 -6.88 23.72
N LYS B 192 -0.18 -6.27 24.81
CA LYS B 192 0.82 -5.22 24.76
C LYS B 192 2.07 -5.59 25.53
N TRP B 193 3.20 -5.08 25.08
CA TRP B 193 4.49 -5.42 25.63
C TRP B 193 5.28 -4.16 25.77
N THR B 194 6.05 -4.07 26.84
CA THR B 194 7.06 -3.01 26.93
C THR B 194 8.41 -3.60 26.63
N ILE B 195 9.07 -3.09 25.59
CA ILE B 195 10.38 -3.54 25.22
C ILE B 195 11.38 -2.73 26.03
N ILE B 196 12.34 -3.40 26.66
CA ILE B 196 13.39 -2.74 27.43
C ILE B 196 14.74 -3.23 26.97
N TYR B 197 15.63 -2.32 26.63
CA TYR B 197 16.98 -2.69 26.22
C TYR B 197 17.91 -2.74 27.43
N ASN B 198 18.64 -3.84 27.51
CA ASN B 198 19.68 -4.04 28.52
C ASN B 198 21.02 -3.78 27.86
N GLU B 199 21.66 -2.68 28.26
CA GLU B 199 22.91 -2.25 27.64
C GLU B 199 24.04 -3.25 27.86
N GLU B 200 24.05 -3.87 29.03
CA GLU B 200 25.14 -4.78 29.39
C GLU B 200 25.10 -6.06 28.53
N LYS B 201 23.91 -6.60 28.32
CA LYS B 201 23.73 -7.79 27.49
C LYS B 201 23.58 -7.45 26.01
N ALA B 202 23.37 -6.17 25.72
CA ALA B 202 23.08 -5.69 24.38
C ALA B 202 21.93 -6.48 23.79
N ALA B 203 20.83 -6.56 24.54
CA ALA B 203 19.69 -7.34 24.12
C ALA B 203 18.45 -6.81 24.80
N TYR B 204 17.29 -7.23 24.30
CA TYR B 204 16.01 -6.68 24.73
C TYR B 204 15.18 -7.70 25.48
N GLN B 205 14.32 -7.20 26.37
CA GLN B 205 13.27 -8.02 26.95
C GLN B 205 11.91 -7.44 26.59
N PHE B 206 10.92 -8.31 26.49
CA PHE B 206 9.55 -7.93 26.22
C PHE B 206 8.71 -8.26 27.44
N PHE B 207 8.31 -7.23 28.17
CA PHE B 207 7.47 -7.37 29.38
C PHE B 207 6.01 -7.30 29.00
N ASN B 208 5.24 -8.32 29.34
CA ASN B 208 3.83 -8.27 29.03
C ASN B 208 3.10 -7.32 29.97
N LYS B 209 2.23 -6.48 29.44
CA LYS B 209 1.61 -5.43 30.24
C LYS B 209 0.63 -5.95 31.31
N ILE B 210 0.18 -7.19 31.19
CA ILE B 210 -0.78 -7.72 32.15
C ILE B 210 -0.11 -8.24 33.43
N LEU B 211 1.22 -8.34 33.43
CA LEU B 211 2.01 -8.72 34.59
C LEU B 211 3.02 -7.62 34.95
N SER B 212 3.63 -7.72 36.12
CA SER B 212 4.62 -6.73 36.51
C SER B 212 6.03 -7.13 36.09
N ASN B 213 6.28 -8.42 36.10
CA ASN B 213 7.62 -8.97 35.93
C ASN B 213 7.69 -10.11 34.94
N GLY B 214 6.72 -10.20 34.04
CA GLY B 214 6.67 -11.34 33.13
C GLY B 214 7.23 -10.98 31.78
N VAL B 215 8.18 -11.78 31.31
CA VAL B 215 8.85 -11.51 30.06
C VAL B 215 8.72 -12.67 29.08
N LEU B 216 8.70 -12.31 27.80
CA LEU B 216 8.69 -13.30 26.72
C LEU B 216 9.95 -14.18 26.82
N THR B 217 9.75 -15.50 26.84
CA THR B 217 10.82 -16.45 27.15
C THR B 217 10.76 -17.65 26.22
N TRP B 218 11.92 -18.06 25.72
CA TRP B 218 12.04 -19.36 25.07
C TRP B 218 12.25 -20.40 26.15
N ILE B 219 11.31 -21.33 26.22
CA ILE B 219 11.37 -22.43 27.16
C ILE B 219 12.17 -23.51 26.48
N PHE B 220 13.48 -23.35 26.50
CA PHE B 220 14.37 -24.17 25.68
C PHE B 220 14.41 -25.62 26.12
N SER B 221 13.96 -25.91 27.35
CA SER B 221 13.88 -27.29 27.79
C SER B 221 12.62 -27.98 27.31
N ASP B 222 11.77 -27.23 26.61
CA ASP B 222 10.54 -27.78 26.06
C ASP B 222 10.49 -27.45 24.56
N GLY B 223 11.53 -27.86 23.84
CA GLY B 223 11.50 -27.70 22.40
C GLY B 223 11.51 -26.24 21.98
N ASN B 224 10.50 -25.89 21.17
CA ASN B 224 10.40 -24.56 20.59
C ASN B 224 9.43 -23.65 21.36
N THR B 225 8.97 -24.10 22.51
CA THR B 225 7.91 -23.42 23.28
C THR B 225 8.34 -22.02 23.68
N VAL B 226 7.42 -21.07 23.51
CA VAL B 226 7.55 -19.71 24.04
C VAL B 226 6.42 -19.47 25.01
N ARG B 227 6.77 -18.97 26.19
CA ARG B 227 5.83 -18.58 27.23
C ARG B 227 6.29 -17.30 27.87
N VAL B 228 5.39 -16.67 28.62
CA VAL B 228 5.77 -15.59 29.52
C VAL B 228 6.23 -16.24 30.81
N SER B 229 7.33 -15.76 31.36
CA SER B 229 7.88 -16.28 32.60
C SER B 229 8.45 -15.15 33.42
N SER B 230 8.54 -15.34 34.73
CA SER B 230 9.03 -14.28 35.60
C SER B 230 10.48 -13.96 35.24
N SER B 231 10.81 -12.67 35.15
CA SER B 231 12.18 -12.28 34.86
C SER B 231 13.13 -12.91 35.90
N ALA B 232 14.10 -13.65 35.40
CA ALA B 232 15.13 -14.32 36.21
C ALA B 232 16.49 -13.83 35.76
N GLN B 233 17.35 -13.49 36.72
CA GLN B 233 18.58 -12.77 36.43
C GLN B 233 19.50 -13.46 35.42
N ASN B 234 19.54 -14.80 35.48
CA ASN B 234 20.58 -15.54 34.78
C ASN B 234 20.13 -16.20 33.48
N ASN B 235 18.97 -15.83 32.94
CA ASN B 235 18.45 -16.57 31.80
C ASN B 235 18.46 -15.80 30.47
N ASP B 236 19.49 -16.05 29.70
CA ASP B 236 19.61 -15.47 28.36
C ASP B 236 18.44 -15.79 27.43
N ALA B 237 17.70 -16.86 27.71
CA ALA B 237 16.55 -17.20 26.89
C ALA B 237 15.39 -16.22 27.07
N GLN B 238 15.52 -15.30 28.03
CA GLN B 238 14.55 -14.23 28.23
C GLN B 238 14.97 -12.94 27.54
N TYR B 239 16.04 -13.03 26.75
CA TYR B 239 16.55 -11.86 26.00
C TYR B 239 16.54 -12.12 24.51
N TRP B 240 16.43 -11.04 23.73
CA TRP B 240 16.23 -11.14 22.28
C TRP B 240 16.97 -10.03 21.57
N LEU B 241 17.34 -10.31 20.33
CA LEU B 241 17.92 -9.32 19.44
C LEU B 241 16.87 -8.95 18.40
N ILE B 242 16.81 -7.66 18.08
CA ILE B 242 15.83 -7.14 17.13
C ILE B 242 16.59 -6.62 15.93
N ASN B 243 16.34 -7.20 14.77
CA ASN B 243 17.10 -6.81 13.59
C ASN B 243 16.20 -6.54 12.41
N PRO B 244 16.43 -5.41 11.75
CA PRO B 244 15.62 -5.09 10.59
C PRO B 244 15.90 -6.05 9.47
N VAL B 245 14.88 -6.33 8.69
CA VAL B 245 15.02 -7.20 7.54
C VAL B 245 15.96 -6.56 6.50
N SER B 246 15.87 -5.24 6.38
CA SER B 246 16.91 -4.49 5.68
C SER B 246 16.98 -3.05 6.19
N ASP B 250 10.99 -1.43 8.15
CA ASP B 250 10.51 -1.60 9.52
C ASP B 250 9.76 -2.92 9.70
N ARG B 251 10.38 -3.96 9.18
CA ARG B 251 10.04 -5.33 9.49
C ARG B 251 11.25 -5.88 10.21
N TYR B 252 11.05 -6.79 11.15
CA TYR B 252 12.12 -7.26 12.01
C TYR B 252 12.05 -8.75 12.25
N THR B 253 13.23 -9.33 12.44
CA THR B 253 13.32 -10.64 13.04
C THR B 253 13.67 -10.44 14.51
N ILE B 254 13.21 -11.37 15.33
CA ILE B 254 13.37 -11.31 16.77
C ILE B 254 14.07 -12.61 17.14
N THR B 255 15.36 -12.49 17.46
CA THR B 255 16.24 -13.63 17.64
C THR B 255 16.54 -13.88 19.10
N ASN B 256 16.51 -15.13 19.56
CA ASN B 256 16.79 -15.38 20.98
C ASN B 256 18.28 -15.32 21.29
N LEU B 257 18.62 -14.72 22.42
CA LEU B 257 20.01 -14.58 22.82
C LEU B 257 20.68 -15.90 23.20
N ARG B 258 19.93 -16.83 23.77
CA ARG B 258 20.55 -18.10 24.18
C ARG B 258 21.09 -18.88 22.98
N ASP B 259 20.34 -18.88 21.89
CA ASP B 259 20.73 -19.57 20.66
C ASP B 259 20.27 -18.70 19.51
N LYS B 260 21.23 -18.07 18.84
CA LYS B 260 20.91 -17.06 17.85
C LYS B 260 20.49 -17.65 16.53
N THR B 261 20.40 -18.97 16.44
CA THR B 261 19.73 -19.61 15.29
C THR B 261 18.22 -19.71 15.49
N LYS B 262 17.71 -19.36 16.67
CA LYS B 262 16.29 -19.45 16.99
C LYS B 262 15.64 -18.06 16.92
N VAL B 263 14.55 -17.97 16.16
CA VAL B 263 13.84 -16.72 15.99
C VAL B 263 12.36 -16.89 16.26
N LEU B 264 11.70 -15.82 16.67
CA LEU B 264 10.26 -15.86 16.91
C LEU B 264 9.52 -16.21 15.62
N ASP B 265 8.57 -17.13 15.73
CA ASP B 265 8.03 -17.84 14.59
C ASP B 265 6.53 -18.04 14.78
N LEU B 266 5.76 -17.66 13.78
CA LEU B 266 4.32 -17.92 13.76
C LEU B 266 4.09 -19.28 13.09
N TYR B 267 3.56 -20.24 13.84
CA TYR B 267 3.52 -21.63 13.45
C TYR B 267 2.90 -21.81 12.07
N GLY B 268 3.68 -22.35 11.14
CA GLY B 268 3.19 -22.63 9.80
C GLY B 268 2.70 -21.45 8.98
N GLY B 269 2.96 -20.24 9.42
CA GLY B 269 2.36 -19.07 8.81
C GLY B 269 0.84 -19.02 8.90
N GLN B 270 0.30 -19.76 9.86
CA GLN B 270 -1.15 -19.81 10.07
C GLN B 270 -1.57 -18.55 10.79
N THR B 271 -2.75 -18.05 10.43
CA THR B 271 -3.20 -16.76 10.94
C THR B 271 -4.52 -16.82 11.71
N ALA B 272 -5.05 -18.02 11.97
CA ALA B 272 -6.24 -18.14 12.79
C ALA B 272 -5.96 -17.66 14.20
N ASP B 273 -6.98 -17.10 14.86
CA ASP B 273 -6.87 -16.81 16.26
C ASP B 273 -6.43 -18.07 16.97
N GLY B 274 -5.48 -17.95 17.88
CA GLY B 274 -5.01 -19.08 18.67
C GLY B 274 -3.79 -19.76 18.11
N THR B 275 -3.34 -19.35 16.93
CA THR B 275 -2.17 -19.98 16.33
C THR B 275 -0.97 -19.83 17.28
N THR B 276 -0.20 -20.91 17.36
CA THR B 276 0.96 -20.97 18.21
C THR B 276 2.03 -19.98 17.78
N ILE B 277 2.59 -19.29 18.78
CA ILE B 277 3.80 -18.50 18.63
C ILE B 277 4.92 -19.27 19.34
N GLN B 278 6.07 -19.42 18.70
CA GLN B 278 7.13 -20.28 19.20
C GLN B 278 8.43 -19.67 18.75
N VAL B 279 9.55 -20.36 19.01
CA VAL B 279 10.76 -20.08 18.25
C VAL B 279 10.96 -21.19 17.22
N PHE B 280 11.87 -20.93 16.29
CA PHE B 280 12.19 -21.94 15.25
C PHE B 280 13.51 -21.58 14.62
N ASN B 281 14.13 -22.57 13.99
CA ASN B 281 15.30 -22.30 13.20
C ASN B 281 15.00 -21.19 12.20
N SER B 282 15.91 -20.23 12.13
CA SER B 282 15.77 -19.10 11.24
C SER B 282 15.80 -19.58 9.79
N ASN B 283 14.74 -19.29 9.05
CA ASN B 283 14.59 -19.84 7.71
C ASN B 283 14.13 -18.84 6.63
N GLY B 284 14.04 -17.57 7.02
CA GLY B 284 13.76 -16.49 6.09
C GLY B 284 12.30 -16.42 5.71
N GLY B 285 11.45 -17.23 6.35
CA GLY B 285 10.04 -17.21 6.01
C GLY B 285 9.33 -15.93 6.43
N ASP B 286 8.24 -15.61 5.72
CA ASP B 286 7.43 -14.45 6.09
C ASP B 286 6.87 -14.60 7.51
N ASN B 287 6.67 -15.84 7.97
CA ASN B 287 6.17 -16.13 9.31
C ASN B 287 7.22 -15.93 10.43
N GLN B 288 8.38 -15.39 10.08
CA GLN B 288 9.42 -15.05 11.06
C GLN B 288 9.76 -13.57 10.98
N LYS B 289 8.88 -12.80 10.33
CA LYS B 289 9.06 -11.34 10.21
C LYS B 289 7.90 -10.61 10.87
N TRP B 290 8.22 -9.53 11.57
CA TRP B 290 7.27 -8.89 12.48
C TRP B 290 7.28 -7.37 12.33
N ASN B 291 6.12 -6.76 12.54
CA ASN B 291 6.05 -5.34 12.73
C ASN B 291 5.91 -5.05 14.21
N ILE B 292 6.57 -3.99 14.66
CA ILE B 292 6.56 -3.57 16.04
C ILE B 292 6.06 -2.14 16.07
N ARG B 293 4.87 -1.93 16.59
CA ARG B 293 4.15 -0.66 16.42
C ARG B 293 3.55 -0.11 17.70
N ASN B 294 3.27 1.19 17.74
CA ASN B 294 2.56 1.76 18.88
C ASN B 294 1.13 1.21 18.88
N PRO B 295 0.54 1.01 20.07
CA PRO B 295 -0.88 0.61 20.08
C PRO B 295 -1.80 1.70 19.54
#